data_3G5M
#
_entry.id   3G5M
#
_cell.length_a   56.734
_cell.length_b   84.231
_cell.length_c   106.312
_cell.angle_alpha   90.00
_cell.angle_beta   90.00
_cell.angle_gamma   90.00
#
_symmetry.space_group_name_H-M   'P 21 21 21'
#
loop_
_entity.id
_entity.type
_entity.pdbx_description
1 polymer 'Ribosyldihydronicotinamide dehydrogenase [quinone]'
2 non-polymer 'ZINC ION'
3 non-polymer 6-methoxy-9-methyl[1,3]dioxolo[4,5-h]quinolin-8(9H)-one
4 non-polymer 'FLAVIN-ADENINE DINUCLEOTIDE'
5 water water
#
_entity_poly.entity_id   1
_entity_poly.type   'polypeptide(L)'
_entity_poly.pdbx_seq_one_letter_code
;MAGKKVLIVYAHQEPKSFNGSLKNVAVDELSRQGCTVTVSDLYAMNFEPRATDKDITGTLSNPEVFNYGVETHEAYKQRS
LASDITDEQKKVREADLVIFQFPLYWFSVPAILKGWMDRVLCQGFAFDIPGFYDSGLLQGKLALLSVTTGGTAEMYTKTG
VNGDSRYFLWPLQHGTLHFCGFKVLAPQISFAPEIASEEERKGMVAAWSQRLQTIWKEEPIPCTAHWHFGQ
;
_entity_poly.pdbx_strand_id   A,B
#
# COMPACT_ATOMS: atom_id res chain seq x y z
N ALA A 2 13.49 -22.98 18.70
CA ALA A 2 13.60 -22.79 20.20
C ALA A 2 14.88 -22.03 20.70
N GLY A 3 14.71 -21.22 21.76
CA GLY A 3 13.36 -20.72 22.04
C GLY A 3 13.21 -19.53 21.11
N LYS A 4 12.28 -19.59 20.15
CA LYS A 4 12.03 -18.41 19.29
C LYS A 4 10.49 -18.19 19.19
N LYS A 5 10.08 -16.94 19.03
CA LYS A 5 8.68 -16.63 18.87
C LYS A 5 8.51 -16.07 17.43
N VAL A 6 7.45 -16.52 16.77
CA VAL A 6 7.15 -16.08 15.42
C VAL A 6 5.74 -15.47 15.45
N LEU A 7 5.63 -14.32 14.82
CA LEU A 7 4.29 -13.77 14.52
C LEU A 7 4.08 -13.90 13.00
N ILE A 8 2.93 -14.44 12.60
CA ILE A 8 2.52 -14.43 11.18
C ILE A 8 1.35 -13.44 11.03
N VAL A 9 1.57 -12.40 10.22
CA VAL A 9 0.45 -11.42 9.96
C VAL A 9 -0.10 -11.81 8.59
N TYR A 10 -1.32 -12.35 8.59
CA TYR A 10 -1.87 -12.96 7.41
C TYR A 10 -3.04 -12.14 6.91
N ALA A 11 -3.13 -12.00 5.57
CA ALA A 11 -4.18 -11.16 5.02
C ALA A 11 -4.78 -11.86 3.81
N HIS A 12 -5.63 -12.87 4.07
CA HIS A 12 -6.46 -13.44 3.00
C HIS A 12 -7.84 -13.73 3.56
N GLN A 13 -8.85 -13.51 2.71
CA GLN A 13 -10.24 -13.68 3.14
C GLN A 13 -10.70 -15.15 3.29
N GLU A 14 -10.02 -16.05 2.63
CA GLU A 14 -10.52 -17.42 2.45
C GLU A 14 -9.59 -18.48 3.07
N PRO A 15 -10.10 -19.23 4.07
CA PRO A 15 -9.22 -20.21 4.73
C PRO A 15 -8.76 -21.30 3.78
N LYS A 16 -9.58 -21.62 2.78
CA LYS A 16 -9.15 -22.63 1.77
C LYS A 16 -8.26 -22.14 0.64
N SER A 17 -7.84 -20.85 0.65
CA SER A 17 -7.01 -20.33 -0.42
C SER A 17 -5.60 -20.85 -0.40
N PHE A 18 -4.87 -20.54 -1.47
CA PHE A 18 -3.45 -20.84 -1.55
C PHE A 18 -2.67 -20.07 -0.48
N ASN A 19 -3.08 -18.82 -0.17
CA ASN A 19 -2.40 -18.08 0.94
C ASN A 19 -2.63 -18.81 2.24
N GLY A 20 -3.88 -19.23 2.41
CA GLY A 20 -4.36 -20.03 3.53
C GLY A 20 -3.49 -21.26 3.73
N SER A 21 -3.20 -21.98 2.64
CA SER A 21 -2.34 -23.18 2.76
C SER A 21 -0.94 -22.81 3.14
N LEU A 22 -0.42 -21.67 2.60
CA LEU A 22 0.95 -21.27 2.90
C LEU A 22 1.01 -20.86 4.38
N LYS A 23 -0.04 -20.19 4.87
CA LYS A 23 -0.04 -19.77 6.31
C LYS A 23 -0.05 -21.03 7.20
N ASN A 24 -0.92 -21.98 6.86
CA ASN A 24 -1.08 -23.25 7.58
C ASN A 24 0.17 -24.10 7.61
N VAL A 25 0.90 -24.19 6.50
N VAL A 25 0.84 -24.19 6.47
CA VAL A 25 2.19 -24.95 6.53
CA VAL A 25 2.13 -24.88 6.43
C VAL A 25 3.30 -24.23 7.33
C VAL A 25 3.15 -24.25 7.38
N ALA A 26 3.22 -22.90 7.40
CA ALA A 26 4.16 -22.17 8.20
C ALA A 26 3.87 -22.40 9.69
N VAL A 27 2.58 -22.33 10.08
CA VAL A 27 2.19 -22.70 11.47
C VAL A 27 2.61 -24.16 11.72
N ASP A 28 2.30 -25.07 10.81
CA ASP A 28 2.57 -26.54 11.08
C ASP A 28 4.10 -26.77 11.29
N GLU A 29 4.91 -26.23 10.40
CA GLU A 29 6.37 -26.44 10.45
C GLU A 29 7.09 -25.76 11.62
N LEU A 30 6.77 -24.49 11.87
CA LEU A 30 7.36 -23.76 12.98
C LEU A 30 6.86 -24.37 14.31
N SER A 31 5.59 -24.84 14.33
CA SER A 31 5.08 -25.48 15.58
C SER A 31 5.90 -26.78 15.82
N ARG A 32 6.07 -27.53 14.75
CA ARG A 32 6.87 -28.76 14.79
C ARG A 32 8.28 -28.54 15.27
N GLN A 33 8.88 -27.39 14.95
CA GLN A 33 10.23 -27.13 15.40
C GLN A 33 10.34 -26.77 16.89
N GLY A 34 9.21 -26.45 17.49
CA GLY A 34 9.03 -26.08 18.92
C GLY A 34 8.95 -24.58 19.07
N CYS A 35 8.83 -23.82 17.95
CA CYS A 35 8.75 -22.38 18.05
C CYS A 35 7.40 -21.98 18.66
N THR A 36 7.35 -20.82 19.31
CA THR A 36 6.12 -20.22 19.77
C THR A 36 5.50 -19.45 18.57
N VAL A 37 4.27 -19.75 18.20
CA VAL A 37 3.69 -19.15 16.99
C VAL A 37 2.38 -18.43 17.34
N THR A 38 2.22 -17.24 16.79
CA THR A 38 0.98 -16.52 16.93
C THR A 38 0.62 -16.06 15.50
N VAL A 39 -0.68 -16.10 15.14
CA VAL A 39 -1.14 -15.59 13.80
C VAL A 39 -2.12 -14.41 14.03
N SER A 40 -1.91 -13.31 13.30
CA SER A 40 -2.90 -12.21 13.28
C SER A 40 -3.64 -12.37 11.97
N ASP A 41 -4.84 -13.00 12.04
CA ASP A 41 -5.63 -13.22 10.83
C ASP A 41 -6.45 -11.96 10.61
N LEU A 42 -5.93 -11.02 9.79
CA LEU A 42 -6.50 -9.68 9.76
C LEU A 42 -7.96 -9.65 9.35
N TYR A 43 -8.32 -10.39 8.31
CA TYR A 43 -9.71 -10.34 7.90
C TYR A 43 -10.69 -10.94 8.94
N ALA A 44 -10.28 -12.03 9.60
CA ALA A 44 -11.10 -12.69 10.59
C ALA A 44 -11.23 -11.81 11.83
N MET A 45 -10.23 -10.99 12.05
CA MET A 45 -10.30 -10.01 13.15
C MET A 45 -11.08 -8.75 12.74
N ASN A 46 -11.52 -8.67 11.48
CA ASN A 46 -12.08 -7.40 10.98
CA ASN A 46 -12.02 -7.43 10.87
C ASN A 46 -11.15 -6.22 11.32
N PHE A 47 -9.85 -6.44 11.25
CA PHE A 47 -8.89 -5.42 11.65
C PHE A 47 -9.14 -4.04 10.98
N GLU A 48 -9.11 -2.95 11.77
CA GLU A 48 -9.35 -1.60 11.26
C GLU A 48 -8.11 -1.10 10.48
N PRO A 49 -8.23 -0.77 9.19
CA PRO A 49 -7.11 -0.27 8.43
C PRO A 49 -6.99 1.24 8.48
N ARG A 50 -8.07 1.95 8.84
CA ARG A 50 -7.98 3.41 8.71
C ARG A 50 -7.27 4.08 9.92
N ALA A 51 -6.40 5.06 9.62
CA ALA A 51 -5.63 5.87 10.61
C ALA A 51 -6.50 7.03 11.05
N THR A 52 -7.17 6.95 12.22
CA THR A 52 -8.08 8.05 12.57
C THR A 52 -7.91 8.40 14.01
N ASP A 53 -8.66 9.43 14.48
CA ASP A 53 -8.58 9.82 15.91
C ASP A 53 -9.20 8.81 16.87
N LYS A 54 -9.90 7.81 16.37
CA LYS A 54 -10.30 6.72 17.23
C LYS A 54 -9.16 5.89 17.77
N ASP A 55 -7.96 6.07 17.22
CA ASP A 55 -6.79 5.27 17.62
C ASP A 55 -6.18 5.73 18.88
N ILE A 56 -6.71 6.86 19.35
CA ILE A 56 -6.20 7.47 20.56
C ILE A 56 -7.33 7.54 21.56
N THR A 57 -7.12 7.00 22.77
CA THR A 57 -8.19 7.03 23.77
C THR A 57 -7.99 8.27 24.69
N GLY A 58 -9.08 8.68 25.34
CA GLY A 58 -9.02 9.86 26.21
C GLY A 58 -8.95 11.10 25.35
N THR A 59 -8.01 11.99 25.62
CA THR A 59 -8.03 13.29 24.96
C THR A 59 -6.74 13.63 24.22
N LEU A 60 -6.92 14.33 23.10
CA LEU A 60 -5.85 14.63 22.16
C LEU A 60 -4.82 15.63 22.66
N SER A 61 -3.58 15.51 22.22
CA SER A 61 -2.59 16.46 22.69
C SER A 61 -2.68 17.77 21.95
N ASN A 62 -3.45 17.81 20.86
CA ASN A 62 -3.87 19.05 20.20
C ASN A 62 -5.26 18.85 19.59
N PRO A 63 -6.32 19.11 20.36
CA PRO A 63 -7.62 18.84 19.72
C PRO A 63 -8.13 19.88 18.70
N GLU A 64 -7.31 20.89 18.36
CA GLU A 64 -7.73 21.86 17.34
C GLU A 64 -7.32 21.44 15.91
N VAL A 65 -6.13 20.86 15.77
CA VAL A 65 -5.68 20.33 14.52
C VAL A 65 -5.27 18.89 14.82
N PHE A 66 -5.85 17.94 14.09
CA PHE A 66 -5.46 16.53 14.25
C PHE A 66 -4.30 16.14 13.36
N ASN A 67 -3.16 15.75 13.95
CA ASN A 67 -2.00 15.26 13.21
C ASN A 67 -1.82 13.81 13.68
N TYR A 68 -2.08 12.86 12.82
CA TYR A 68 -2.06 11.44 13.24
C TYR A 68 -0.69 11.01 13.81
N GLY A 69 0.38 11.35 13.13
CA GLY A 69 1.72 10.98 13.59
C GLY A 69 2.00 11.53 14.99
N VAL A 70 1.61 12.77 15.19
CA VAL A 70 1.99 13.37 16.50
C VAL A 70 1.13 12.76 17.56
N GLU A 71 -0.16 12.58 17.26
CA GLU A 71 -1.08 12.13 18.27
C GLU A 71 -0.79 10.70 18.67
N THR A 72 -0.42 9.85 17.69
CA THR A 72 -0.13 8.47 18.03
C THR A 72 1.18 8.32 18.75
N HIS A 73 2.18 9.11 18.35
CA HIS A 73 3.45 9.14 19.09
C HIS A 73 3.21 9.46 20.59
N GLU A 74 2.36 10.44 20.87
CA GLU A 74 2.17 10.90 22.26
C GLU A 74 1.32 9.87 22.97
N ALA A 75 0.33 9.37 22.24
CA ALA A 75 -0.53 8.32 22.80
C ALA A 75 0.31 7.09 23.21
N TYR A 76 1.30 6.76 22.38
CA TYR A 76 2.15 5.61 22.64
C TYR A 76 2.92 5.86 23.97
N LYS A 77 3.51 7.04 24.08
CA LYS A 77 4.33 7.41 25.26
C LYS A 77 3.43 7.44 26.50
N GLN A 78 2.21 7.90 26.32
N GLN A 78 2.21 7.94 26.36
CA GLN A 78 1.29 8.03 27.44
CA GLN A 78 1.28 8.02 27.49
C GLN A 78 0.34 6.87 27.63
C GLN A 78 0.39 6.83 27.71
N ARG A 79 0.66 5.73 26.99
CA ARG A 79 -0.15 4.50 27.10
C ARG A 79 -1.65 4.70 26.85
N SER A 80 -1.98 5.44 25.80
CA SER A 80 -3.35 5.80 25.47
C SER A 80 -3.72 5.39 24.03
N LEU A 81 -3.03 4.42 23.44
CA LEU A 81 -3.42 3.88 22.10
C LEU A 81 -4.61 2.93 22.22
N ALA A 82 -5.42 2.80 21.14
CA ALA A 82 -6.54 1.89 21.15
C ALA A 82 -5.98 0.44 21.35
N SER A 83 -6.83 -0.42 21.91
CA SER A 83 -6.36 -1.70 22.36
C SER A 83 -6.12 -2.66 21.14
N ASP A 84 -6.78 -2.46 20.01
CA ASP A 84 -6.43 -3.27 18.83
C ASP A 84 -4.97 -3.04 18.43
N ILE A 85 -4.50 -1.80 18.51
CA ILE A 85 -3.10 -1.50 18.16
C ILE A 85 -2.15 -2.05 19.21
N THR A 86 -2.47 -1.84 20.48
CA THR A 86 -1.47 -2.31 21.46
C THR A 86 -1.39 -3.85 21.54
N ASP A 87 -2.52 -4.53 21.32
CA ASP A 87 -2.52 -6.00 21.22
C ASP A 87 -1.51 -6.39 20.15
N GLU A 88 -1.55 -5.70 18.98
CA GLU A 88 -0.57 -6.06 17.93
C GLU A 88 0.87 -5.71 18.31
N GLN A 89 1.05 -4.54 18.92
CA GLN A 89 2.39 -4.19 19.38
C GLN A 89 3.05 -5.17 20.36
N LYS A 90 2.24 -5.74 21.24
CA LYS A 90 2.73 -6.80 22.14
C LYS A 90 3.24 -7.99 21.34
N LYS A 91 2.46 -8.43 20.35
CA LYS A 91 2.90 -9.60 19.58
C LYS A 91 4.23 -9.29 18.81
N VAL A 92 4.35 -8.06 18.31
CA VAL A 92 5.52 -7.69 17.54
C VAL A 92 6.73 -7.61 18.50
N ARG A 93 6.50 -6.99 19.63
CA ARG A 93 7.59 -6.74 20.62
C ARG A 93 8.21 -8.10 21.05
N GLU A 94 7.35 -9.09 21.27
CA GLU A 94 7.83 -10.41 21.76
C GLU A 94 8.36 -11.28 20.64
N ALA A 95 8.00 -10.97 19.39
CA ALA A 95 8.49 -11.73 18.25
C ALA A 95 10.03 -11.64 17.89
N ASP A 96 10.59 -12.79 17.54
CA ASP A 96 11.95 -12.84 16.96
C ASP A 96 11.87 -12.75 15.45
N LEU A 97 10.74 -13.22 14.90
CA LEU A 97 10.56 -13.21 13.42
C LEU A 97 9.11 -12.86 13.10
N VAL A 98 8.89 -11.91 12.15
CA VAL A 98 7.56 -11.58 11.72
C VAL A 98 7.49 -11.92 10.27
N ILE A 99 6.58 -12.84 9.93
CA ILE A 99 6.29 -13.25 8.56
C ILE A 99 4.99 -12.57 8.14
N PHE A 100 4.99 -11.98 6.92
CA PHE A 100 3.76 -11.39 6.32
C PHE A 100 3.36 -12.32 5.19
N GLN A 101 2.14 -12.83 5.25
CA GLN A 101 1.64 -13.74 4.25
C GLN A 101 0.47 -13.06 3.52
N PHE A 102 0.61 -12.74 2.22
CA PHE A 102 -0.48 -12.02 1.58
C PHE A 102 -0.41 -12.18 0.05
N PRO A 103 -1.56 -11.99 -0.61
CA PRO A 103 -1.52 -11.87 -2.08
C PRO A 103 -1.09 -10.43 -2.48
N LEU A 104 -0.30 -10.32 -3.56
CA LEU A 104 0.08 -9.02 -4.05
C LEU A 104 -1.17 -8.28 -4.53
N TYR A 105 -1.42 -7.06 -4.01
CA TYR A 105 -2.55 -6.23 -4.54
C TYR A 105 -1.89 -4.93 -4.99
N TRP A 106 -2.00 -4.66 -6.30
CA TRP A 106 -1.42 -3.40 -6.82
C TRP A 106 0.06 -3.20 -6.44
N PHE A 107 0.91 -4.19 -6.72
N PHE A 107 0.82 -4.28 -6.69
CA PHE A 107 2.37 -4.10 -6.44
CA PHE A 107 2.26 -4.41 -6.41
C PHE A 107 2.66 -3.91 -4.93
C PHE A 107 2.57 -3.91 -5.00
N SER A 108 1.67 -4.26 -4.08
CA SER A 108 1.86 -3.94 -2.68
C SER A 108 1.04 -4.93 -1.83
N VAL A 109 0.79 -4.55 -0.55
CA VAL A 109 0.02 -5.37 0.37
C VAL A 109 -1.47 -4.97 0.18
N PRO A 110 -2.41 -5.88 0.42
CA PRO A 110 -3.84 -5.53 0.59
C PRO A 110 -3.98 -4.40 1.62
N ALA A 111 -4.99 -3.55 1.43
CA ALA A 111 -5.21 -2.38 2.24
C ALA A 111 -5.39 -2.76 3.73
N ILE A 112 -5.99 -3.92 4.00
CA ILE A 112 -6.13 -4.27 5.41
C ILE A 112 -4.76 -4.49 6.08
N LEU A 113 -3.76 -5.02 5.36
CA LEU A 113 -2.42 -5.24 5.92
C LEU A 113 -1.67 -3.90 5.85
N LYS A 114 -1.94 -3.08 4.83
CA LYS A 114 -1.32 -1.72 4.82
C LYS A 114 -1.75 -0.95 6.09
N GLY A 115 -3.01 -1.13 6.50
CA GLY A 115 -3.47 -0.44 7.71
C GLY A 115 -2.85 -0.97 9.02
N TRP A 116 -2.48 -2.23 9.05
CA TRP A 116 -1.75 -2.83 10.20
C TRP A 116 -0.40 -2.09 10.26
N MET A 117 0.28 -1.96 9.11
N MET A 117 0.32 -1.99 9.14
CA MET A 117 1.58 -1.26 9.07
CA MET A 117 1.59 -1.24 9.17
C MET A 117 1.43 0.18 9.53
C MET A 117 1.33 0.18 9.67
N ASP A 118 0.42 0.86 8.98
CA ASP A 118 0.22 2.30 9.26
C ASP A 118 -0.05 2.52 10.77
N ARG A 119 -0.84 1.62 11.37
CA ARG A 119 -1.41 1.93 12.72
C ARG A 119 -0.56 1.25 13.80
N VAL A 120 0.04 0.07 13.48
CA VAL A 120 0.79 -0.67 14.53
C VAL A 120 2.24 -0.14 14.66
N LEU A 121 2.85 0.21 13.54
CA LEU A 121 4.26 0.59 13.52
C LEU A 121 4.42 2.10 13.81
N CYS A 122 4.00 2.53 15.01
CA CYS A 122 3.90 3.97 15.24
C CYS A 122 5.21 4.51 15.80
N GLN A 123 5.32 5.84 15.71
CA GLN A 123 6.50 6.51 16.22
C GLN A 123 6.57 6.33 17.75
N GLY A 124 7.76 5.98 18.27
CA GLY A 124 7.88 5.64 19.74
C GLY A 124 7.96 4.14 19.89
N PHE A 125 7.23 3.41 19.05
CA PHE A 125 7.23 1.95 19.06
C PHE A 125 8.25 1.32 18.11
N ALA A 126 8.09 1.60 16.82
CA ALA A 126 8.85 1.00 15.72
C ALA A 126 10.03 1.87 15.27
N PHE A 127 9.95 3.16 15.52
CA PHE A 127 11.03 4.06 15.09
C PHE A 127 10.88 5.38 15.84
N ASP A 128 11.91 6.24 15.87
CA ASP A 128 11.65 7.60 16.42
C ASP A 128 12.05 8.65 15.37
N ILE A 129 11.73 9.93 15.58
CA ILE A 129 12.20 11.00 14.64
C ILE A 129 13.07 11.98 15.42
N PRO A 130 14.38 11.85 15.28
CA PRO A 130 14.96 10.85 14.44
C PRO A 130 15.09 9.54 15.24
N GLY A 131 15.62 8.50 14.62
CA GLY A 131 15.67 7.14 15.19
C GLY A 131 15.22 6.01 14.27
N PHE A 132 15.83 5.88 13.07
CA PHE A 132 15.38 4.86 12.06
C PHE A 132 16.44 4.05 11.25
N TYR A 133 16.00 3.31 10.24
CA TYR A 133 16.83 2.32 9.55
C TYR A 133 17.65 1.47 10.51
N ASP A 134 18.88 1.84 10.85
CA ASP A 134 19.37 1.00 11.97
C ASP A 134 19.56 1.66 13.31
N SER A 135 18.96 2.83 13.46
CA SER A 135 18.67 3.23 14.80
C SER A 135 17.12 3.04 15.05
N GLY A 136 16.51 2.22 14.19
CA GLY A 136 15.10 1.82 14.29
C GLY A 136 14.84 0.82 15.43
N LEU A 137 13.73 1.03 16.11
CA LEU A 137 13.53 0.49 17.43
C LEU A 137 13.32 -1.03 17.43
N LEU A 138 13.02 -1.62 16.28
CA LEU A 138 12.80 -3.08 16.20
C LEU A 138 14.09 -3.84 15.81
N GLN A 139 15.26 -3.22 15.99
CA GLN A 139 16.51 -3.93 15.62
C GLN A 139 16.67 -5.22 16.40
N GLY A 140 17.24 -6.22 15.75
CA GLY A 140 17.32 -7.52 16.40
C GLY A 140 16.29 -8.53 15.90
N LYS A 141 15.18 -8.02 15.35
CA LYS A 141 14.14 -8.91 14.82
C LYS A 141 14.31 -9.14 13.33
N LEU A 142 13.82 -10.28 12.87
CA LEU A 142 13.82 -10.68 11.49
C LEU A 142 12.38 -10.47 10.93
N ALA A 143 12.31 -10.08 9.67
CA ALA A 143 11.02 -10.01 8.96
C ALA A 143 11.16 -10.68 7.61
N LEU A 144 10.05 -11.16 7.08
CA LEU A 144 10.02 -11.89 5.84
C LEU A 144 8.71 -11.68 5.15
N LEU A 145 8.72 -11.23 3.88
CA LEU A 145 7.48 -11.23 3.02
C LEU A 145 7.28 -12.56 2.28
N SER A 146 6.16 -13.25 2.49
CA SER A 146 5.70 -14.36 1.68
C SER A 146 4.49 -13.90 0.86
N VAL A 147 4.70 -13.72 -0.45
CA VAL A 147 3.79 -13.05 -1.35
C VAL A 147 3.36 -14.06 -2.42
N THR A 148 2.11 -13.97 -2.85
CA THR A 148 1.63 -14.73 -3.99
C THR A 148 1.22 -13.71 -5.05
N THR A 149 1.33 -14.10 -6.33
CA THR A 149 1.01 -13.20 -7.46
C THR A 149 -0.04 -13.75 -8.43
N GLY A 150 -0.63 -12.82 -9.22
CA GLY A 150 -1.42 -13.23 -10.37
C GLY A 150 -0.47 -13.48 -11.56
N GLY A 151 0.56 -12.66 -11.66
CA GLY A 151 1.49 -12.61 -12.82
C GLY A 151 2.60 -13.68 -12.67
N THR A 152 3.01 -14.29 -13.80
CA THR A 152 4.00 -15.41 -13.77
C THR A 152 5.42 -14.88 -13.53
N ALA A 153 6.38 -15.74 -13.14
CA ALA A 153 7.73 -15.24 -12.89
C ALA A 153 8.32 -14.54 -14.12
N GLU A 154 7.95 -15.02 -15.29
CA GLU A 154 8.41 -14.36 -16.54
C GLU A 154 7.97 -12.88 -16.60
N MET A 155 6.71 -12.59 -16.28
CA MET A 155 6.24 -11.19 -16.23
C MET A 155 7.05 -10.32 -15.25
N TYR A 156 7.52 -10.95 -14.16
CA TYR A 156 8.38 -10.23 -13.19
C TYR A 156 9.91 -10.29 -13.41
N THR A 157 10.37 -10.09 -14.66
CA THR A 157 11.80 -9.95 -14.99
C THR A 157 12.10 -8.50 -15.45
N LYS A 158 13.36 -8.11 -15.48
CA LYS A 158 13.73 -6.67 -15.54
C LYS A 158 13.20 -5.98 -16.79
N THR A 159 12.84 -6.80 -17.76
CA THR A 159 12.35 -6.31 -19.04
C THR A 159 11.10 -7.11 -19.37
N GLY A 160 10.50 -7.75 -18.35
CA GLY A 160 9.09 -8.15 -18.44
C GLY A 160 8.21 -6.91 -18.28
N VAL A 161 6.92 -7.06 -18.56
CA VAL A 161 5.94 -5.96 -18.40
C VAL A 161 5.95 -5.35 -16.99
N ASN A 162 6.06 -6.23 -16.00
CA ASN A 162 5.91 -5.80 -14.62
C ASN A 162 7.19 -5.27 -14.04
N GLY A 163 8.30 -5.49 -14.77
CA GLY A 163 9.58 -5.13 -14.21
C GLY A 163 10.01 -6.19 -13.17
N ASP A 164 11.18 -6.01 -12.59
CA ASP A 164 11.68 -6.99 -11.61
C ASP A 164 10.79 -7.01 -10.37
N SER A 165 10.45 -8.20 -9.89
CA SER A 165 10.00 -8.40 -8.51
C SER A 165 10.59 -7.45 -7.52
N ARG A 166 11.91 -7.27 -7.55
CA ARG A 166 12.52 -6.50 -6.48
C ARG A 166 12.13 -5.04 -6.45
N TYR A 167 11.69 -4.53 -7.59
CA TYR A 167 11.35 -3.13 -7.70
C TYR A 167 10.16 -2.85 -6.79
N PHE A 168 9.18 -3.73 -6.77
CA PHE A 168 7.97 -3.44 -5.90
C PHE A 168 8.23 -3.77 -4.44
N LEU A 169 9.28 -4.56 -4.17
CA LEU A 169 9.63 -4.84 -2.76
C LEU A 169 10.19 -3.67 -2.02
N TRP A 170 10.70 -2.65 -2.73
CA TRP A 170 11.39 -1.54 -2.03
C TRP A 170 10.58 -0.84 -0.92
N PRO A 171 9.35 -0.35 -1.23
CA PRO A 171 8.63 0.33 -0.16
C PRO A 171 8.35 -0.59 1.05
N LEU A 172 8.18 -1.87 0.83
CA LEU A 172 7.84 -2.80 1.97
C LEU A 172 9.12 -3.21 2.75
N GLN A 173 10.09 -3.76 2.05
CA GLN A 173 11.37 -4.19 2.70
C GLN A 173 12.18 -3.04 3.22
N HIS A 174 12.31 -1.97 2.40
CA HIS A 174 13.24 -0.95 2.80
C HIS A 174 12.51 0.15 3.45
N GLY A 175 11.42 0.64 2.85
CA GLY A 175 10.82 1.80 3.44
C GLY A 175 10.08 1.52 4.72
N THR A 176 9.66 0.27 4.93
CA THR A 176 8.90 -0.10 6.11
C THR A 176 9.77 -0.99 7.04
N LEU A 177 10.09 -2.21 6.60
CA LEU A 177 10.75 -3.20 7.49
C LEU A 177 12.18 -2.71 7.91
N HIS A 178 13.04 -2.48 6.92
CA HIS A 178 14.37 -1.89 7.26
C HIS A 178 14.26 -0.60 8.04
N PHE A 179 13.33 0.30 7.71
CA PHE A 179 13.28 1.60 8.41
C PHE A 179 13.04 1.37 9.88
N CYS A 180 12.26 0.32 10.20
CA CYS A 180 11.92 0.05 11.62
C CYS A 180 13.02 -0.72 12.34
N GLY A 181 14.10 -1.07 11.64
CA GLY A 181 15.21 -1.80 12.27
C GLY A 181 15.23 -3.31 12.00
N PHE A 182 14.20 -3.88 11.35
CA PHE A 182 14.25 -5.31 10.99
C PHE A 182 15.43 -5.68 10.10
N LYS A 183 15.95 -6.86 10.32
CA LYS A 183 16.72 -7.51 9.29
C LYS A 183 15.78 -8.30 8.42
N VAL A 184 15.97 -8.16 7.12
CA VAL A 184 15.05 -8.76 6.16
C VAL A 184 15.58 -10.03 5.49
N LEU A 185 14.85 -11.13 5.69
CA LEU A 185 15.12 -12.34 4.96
C LEU A 185 14.62 -12.27 3.50
N ALA A 186 15.24 -13.03 2.60
CA ALA A 186 14.80 -13.08 1.21
C ALA A 186 13.29 -13.38 1.10
N PRO A 187 12.58 -12.69 0.21
CA PRO A 187 11.12 -12.90 0.13
C PRO A 187 10.82 -14.26 -0.43
N GLN A 188 9.71 -14.81 -0.03
CA GLN A 188 9.24 -16.00 -0.61
C GLN A 188 8.21 -15.55 -1.59
N ILE A 189 8.40 -15.82 -2.89
CA ILE A 189 7.40 -15.41 -3.87
C ILE A 189 6.80 -16.59 -4.58
N SER A 190 5.51 -16.82 -4.38
CA SER A 190 4.87 -17.95 -4.99
C SER A 190 4.10 -17.48 -6.21
N PHE A 191 4.74 -17.63 -7.39
CA PHE A 191 4.22 -16.98 -8.64
C PHE A 191 2.99 -17.65 -9.21
N ALA A 192 1.94 -16.85 -9.44
CA ALA A 192 0.79 -17.33 -10.22
C ALA A 192 0.19 -18.70 -9.86
N PRO A 193 -0.21 -18.91 -8.58
CA PRO A 193 -0.84 -20.20 -8.29
C PRO A 193 -2.17 -20.43 -9.01
N GLU A 194 -2.84 -19.38 -9.50
CA GLU A 194 -4.18 -19.65 -9.99
C GLU A 194 -4.15 -20.40 -11.30
N ILE A 195 -3.04 -20.27 -12.03
CA ILE A 195 -2.91 -20.97 -13.29
C ILE A 195 -1.94 -22.21 -13.29
N ALA A 196 -1.40 -22.48 -12.10
N ALA A 196 -1.50 -22.76 -12.13
CA ALA A 196 -0.66 -23.69 -11.87
CA ALA A 196 -0.25 -23.65 -12.10
C ALA A 196 -1.66 -24.80 -11.66
C ALA A 196 -0.16 -25.23 -12.22
N SER A 197 -1.29 -25.94 -12.16
CA SER A 197 -1.56 -27.31 -11.59
C SER A 197 -1.21 -27.16 -10.10
N GLU A 198 -2.03 -27.62 -9.14
CA GLU A 198 -2.31 -29.01 -8.76
C GLU A 198 -0.98 -29.59 -8.24
N GLU A 199 -0.21 -30.38 -9.00
CA GLU A 199 1.24 -30.47 -8.69
C GLU A 199 1.73 -29.05 -8.99
N GLU A 200 3.01 -28.71 -8.88
CA GLU A 200 3.36 -27.28 -9.08
C GLU A 200 2.87 -26.41 -7.90
N ARG A 201 1.57 -26.48 -7.60
CA ARG A 201 0.98 -25.81 -6.44
C ARG A 201 1.28 -26.55 -5.13
N LYS A 202 0.91 -27.83 -5.06
CA LYS A 202 1.43 -28.74 -4.02
C LYS A 202 2.94 -28.49 -3.85
N GLY A 203 3.68 -28.42 -4.96
CA GLY A 203 5.12 -28.14 -4.98
C GLY A 203 5.55 -26.79 -4.44
N MET A 204 4.78 -25.75 -4.74
CA MET A 204 5.09 -24.46 -4.15
C MET A 204 4.84 -24.50 -2.62
N VAL A 205 3.78 -25.17 -2.17
CA VAL A 205 3.45 -25.26 -0.75
C VAL A 205 4.57 -26.07 -0.09
N ALA A 206 4.98 -27.15 -0.75
CA ALA A 206 6.06 -27.99 -0.20
C ALA A 206 7.34 -27.21 -0.07
N ALA A 207 7.64 -26.31 -1.01
CA ALA A 207 8.93 -25.61 -0.98
C ALA A 207 9.11 -24.56 0.14
N TRP A 208 8.00 -23.89 0.44
CA TRP A 208 7.95 -22.95 1.53
C TRP A 208 8.20 -23.72 2.87
N SER A 209 7.52 -24.83 3.02
CA SER A 209 7.66 -25.71 4.22
C SER A 209 9.11 -26.11 4.35
N GLN A 210 9.70 -26.59 3.24
CA GLN A 210 11.14 -26.94 3.22
C GLN A 210 12.01 -25.81 3.59
N ARG A 211 11.76 -24.64 3.02
CA ARG A 211 12.58 -23.54 3.40
C ARG A 211 12.45 -23.20 4.93
N LEU A 212 11.24 -23.25 5.48
CA LEU A 212 11.06 -22.87 6.90
C LEU A 212 11.87 -23.79 7.82
N GLN A 213 12.14 -24.99 7.37
CA GLN A 213 13.05 -25.94 8.12
C GLN A 213 14.37 -25.34 8.53
N THR A 214 14.96 -24.48 7.69
CA THR A 214 16.28 -23.84 7.99
C THR A 214 16.27 -22.32 8.03
N ILE A 215 15.11 -21.76 8.30
CA ILE A 215 14.94 -20.33 8.29
C ILE A 215 15.85 -19.63 9.29
N TRP A 216 16.05 -20.25 10.44
CA TRP A 216 16.94 -19.72 11.44
C TRP A 216 18.43 -19.75 11.03
N LYS A 217 18.77 -20.44 9.95
CA LYS A 217 20.20 -20.47 9.48
C LYS A 217 20.45 -19.39 8.43
N GLU A 218 19.38 -18.89 7.83
CA GLU A 218 19.50 -17.89 6.79
C GLU A 218 20.19 -16.57 7.18
N GLU A 219 20.87 -15.98 6.23
CA GLU A 219 21.42 -14.63 6.39
C GLU A 219 20.40 -13.60 5.77
N PRO A 220 20.16 -12.49 6.47
CA PRO A 220 19.35 -11.39 5.93
C PRO A 220 19.92 -10.90 4.60
N ILE A 221 19.05 -10.31 3.76
CA ILE A 221 19.51 -9.74 2.52
C ILE A 221 20.22 -8.43 2.79
N PRO A 222 21.06 -7.99 1.84
CA PRO A 222 21.55 -6.65 2.08
C PRO A 222 20.45 -5.73 1.59
N CYS A 223 19.82 -4.99 2.50
CA CYS A 223 18.55 -4.33 2.13
C CYS A 223 18.91 -2.94 1.60
N THR A 224 19.41 -2.88 0.36
CA THR A 224 19.97 -1.64 -0.16
C THR A 224 19.34 -1.33 -1.48
N ALA A 225 19.48 -0.08 -1.91
CA ALA A 225 19.06 0.28 -3.25
C ALA A 225 19.71 -0.64 -4.31
N HIS A 226 20.97 -1.01 -4.06
CA HIS A 226 21.69 -1.90 -4.95
C HIS A 226 20.99 -3.28 -5.10
N TRP A 227 20.69 -3.92 -3.96
CA TRP A 227 19.94 -5.16 -4.00
C TRP A 227 18.63 -5.00 -4.80
N HIS A 228 17.84 -3.95 -4.54
CA HIS A 228 16.51 -3.82 -5.23
C HIS A 228 16.59 -3.45 -6.73
N PHE A 229 17.52 -2.57 -7.06
CA PHE A 229 17.53 -1.92 -8.35
C PHE A 229 18.84 -2.12 -9.13
N GLY A 230 19.96 -2.25 -8.40
CA GLY A 230 21.29 -2.30 -9.01
C GLY A 230 21.67 -3.62 -9.68
N GLN A 231 23.00 -3.84 -9.80
CA GLN A 231 23.62 -4.88 -10.64
C GLN A 231 24.95 -5.42 -10.02
N ALA B 2 -10.83 24.66 -19.16
CA ALA B 2 -11.70 24.27 -20.32
C ALA B 2 -12.65 23.16 -19.86
N GLY B 3 -13.33 22.52 -20.85
CA GLY B 3 -14.39 21.49 -20.67
C GLY B 3 -13.86 20.10 -20.33
N LYS B 4 -13.55 19.92 -19.07
CA LYS B 4 -12.86 18.73 -18.65
C LYS B 4 -13.48 18.41 -17.29
N LYS B 5 -13.45 17.14 -16.89
CA LYS B 5 -13.86 16.73 -15.55
C LYS B 5 -12.63 16.24 -14.80
N VAL B 6 -12.52 16.64 -13.54
CA VAL B 6 -11.42 16.27 -12.68
C VAL B 6 -12.02 15.57 -11.43
N LEU B 7 -11.43 14.44 -11.04
CA LEU B 7 -11.76 13.77 -9.76
C LEU B 7 -10.50 13.92 -8.91
N ILE B 8 -10.67 14.43 -7.71
CA ILE B 8 -9.59 14.45 -6.74
C ILE B 8 -9.92 13.38 -5.64
N VAL B 9 -9.09 12.37 -5.49
CA VAL B 9 -9.30 11.36 -4.44
C VAL B 9 -8.33 11.76 -3.29
N TYR B 10 -8.92 12.17 -2.17
CA TYR B 10 -8.19 12.92 -1.14
C TYR B 10 -8.18 12.10 0.14
N ALA B 11 -7.00 11.95 0.78
CA ALA B 11 -6.87 11.06 1.92
C ALA B 11 -6.16 11.76 3.04
N HIS B 12 -6.85 12.60 3.80
CA HIS B 12 -6.22 13.17 5.00
C HIS B 12 -7.34 13.43 5.99
N GLN B 13 -7.04 13.25 7.28
CA GLN B 13 -8.11 13.32 8.27
C GLN B 13 -8.52 14.75 8.64
N GLU B 14 -7.63 15.68 8.39
CA GLU B 14 -7.73 17.03 8.94
C GLU B 14 -7.88 18.13 7.88
N PRO B 15 -9.05 18.79 7.82
CA PRO B 15 -9.28 19.85 6.81
C PRO B 15 -8.25 21.01 6.89
N LYS B 16 -7.71 21.31 8.07
CA LYS B 16 -6.68 22.37 8.20
C LYS B 16 -5.30 21.91 7.84
N SER B 17 -5.13 20.67 7.38
CA SER B 17 -3.73 20.24 7.11
C SER B 17 -3.14 20.84 5.86
N PHE B 18 -1.83 20.63 5.68
CA PHE B 18 -1.14 20.94 4.48
C PHE B 18 -1.78 20.18 3.31
N ASN B 19 -2.09 18.88 3.48
CA ASN B 19 -2.83 18.20 2.38
C ASN B 19 -4.17 18.86 2.10
N GLY B 20 -4.88 19.25 3.16
CA GLY B 20 -6.16 19.91 3.00
C GLY B 20 -6.00 21.15 2.12
N SER B 21 -4.98 21.95 2.43
CA SER B 21 -4.69 23.17 1.64
C SER B 21 -4.40 22.88 0.14
N LEU B 22 -3.65 21.84 -0.12
CA LEU B 22 -3.29 21.42 -1.49
C LEU B 22 -4.58 20.98 -2.20
N LYS B 23 -5.45 20.28 -1.49
CA LYS B 23 -6.69 19.83 -2.08
C LYS B 23 -7.52 21.10 -2.42
N ASN B 24 -7.57 22.02 -1.49
CA ASN B 24 -8.48 23.14 -1.71
C ASN B 24 -7.98 24.08 -2.80
N VAL B 25 -6.66 24.26 -2.88
CA VAL B 25 -6.15 25.06 -3.97
C VAL B 25 -6.35 24.41 -5.31
N ALA B 26 -6.31 23.05 -5.39
CA ALA B 26 -6.67 22.38 -6.65
C ALA B 26 -8.12 22.64 -7.02
N VAL B 27 -9.01 22.46 -6.05
CA VAL B 27 -10.45 22.66 -6.35
C VAL B 27 -10.60 24.15 -6.76
N ASP B 28 -9.96 25.04 -6.03
CA ASP B 28 -10.09 26.52 -6.32
C ASP B 28 -9.64 26.82 -7.74
N GLU B 29 -8.44 26.37 -8.11
CA GLU B 29 -7.86 26.70 -9.42
C GLU B 29 -8.57 25.98 -10.60
N LEU B 30 -8.88 24.69 -10.44
CA LEU B 30 -9.49 24.01 -11.51
C LEU B 30 -10.92 24.57 -11.68
N SER B 31 -11.56 24.88 -10.56
CA SER B 31 -12.90 25.55 -10.60
C SER B 31 -12.82 26.93 -11.33
N ARG B 32 -11.81 27.73 -10.99
CA ARG B 32 -11.60 29.00 -11.69
C ARG B 32 -11.47 28.84 -13.16
N GLN B 33 -10.79 27.80 -13.62
CA GLN B 33 -10.64 27.55 -15.07
C GLN B 33 -11.93 27.13 -15.74
N GLY B 34 -12.96 26.82 -14.96
CA GLY B 34 -14.20 26.32 -15.58
C GLY B 34 -14.32 24.80 -15.62
N CYS B 35 -13.34 24.07 -15.02
CA CYS B 35 -13.41 22.60 -15.07
C CYS B 35 -14.49 22.11 -14.12
N THR B 36 -15.04 20.94 -14.41
CA THR B 36 -15.96 20.24 -13.51
C THR B 36 -15.13 19.46 -12.51
N VAL B 37 -15.41 19.65 -11.22
CA VAL B 37 -14.52 19.13 -10.22
C VAL B 37 -15.32 18.34 -9.17
N THR B 38 -14.86 17.12 -8.89
CA THR B 38 -15.45 16.24 -7.84
C THR B 38 -14.34 15.84 -6.83
N VAL B 39 -14.62 15.77 -5.53
CA VAL B 39 -13.61 15.29 -4.58
C VAL B 39 -14.23 14.12 -3.84
N SER B 40 -13.46 13.04 -3.73
CA SER B 40 -13.84 11.90 -2.90
C SER B 40 -12.98 12.06 -1.63
N ASP B 41 -13.58 12.57 -0.54
CA ASP B 41 -12.78 12.84 0.69
C ASP B 41 -12.90 11.54 1.53
N LEU B 42 -11.92 10.66 1.40
CA LEU B 42 -12.17 9.30 1.83
C LEU B 42 -12.42 9.19 3.34
N TYR B 43 -11.67 9.92 4.16
CA TYR B 43 -11.94 9.78 5.64
C TYR B 43 -13.32 10.30 6.00
N ALA B 44 -13.75 11.39 5.38
CA ALA B 44 -14.99 11.99 5.74
C ALA B 44 -16.09 11.04 5.26
N MET B 45 -15.88 10.29 4.18
CA MET B 45 -16.85 9.29 3.69
C MET B 45 -16.83 7.98 4.54
N ASN B 46 -15.87 7.88 5.46
CA ASN B 46 -15.53 6.61 6.12
C ASN B 46 -15.44 5.48 5.12
N PHE B 47 -14.69 5.76 4.03
CA PHE B 47 -14.58 4.81 2.96
C PHE B 47 -14.03 3.46 3.46
N GLU B 48 -14.68 2.35 3.06
CA GLU B 48 -14.34 1.00 3.49
C GLU B 48 -13.05 0.56 2.74
N PRO B 49 -11.95 0.30 3.45
CA PRO B 49 -10.76 -0.11 2.68
C PRO B 49 -10.66 -1.63 2.46
N ARG B 50 -11.41 -2.43 3.25
CA ARG B 50 -11.18 -3.87 3.17
C ARG B 50 -11.87 -4.54 2.01
N ALA B 51 -11.10 -5.41 1.32
CA ALA B 51 -11.60 -6.16 0.15
C ALA B 51 -12.29 -7.41 0.74
N THR B 52 -13.63 -7.42 0.81
CA THR B 52 -14.28 -8.55 1.45
C THR B 52 -15.48 -9.03 0.62
N ASP B 53 -16.13 -10.13 1.05
CA ASP B 53 -17.25 -10.68 0.33
C ASP B 53 -18.51 -9.82 0.51
N LYS B 54 -18.46 -8.80 1.36
CA LYS B 54 -19.57 -7.85 1.47
C LYS B 54 -19.59 -6.98 0.20
N ASP B 55 -18.55 -7.05 -0.61
CA ASP B 55 -18.49 -6.20 -1.80
C ASP B 55 -19.26 -6.75 -2.97
N ILE B 56 -19.76 -7.99 -2.84
CA ILE B 56 -20.59 -8.61 -3.87
C ILE B 56 -21.97 -8.88 -3.25
N THR B 57 -23.03 -8.52 -3.93
CA THR B 57 -24.36 -8.68 -3.30
C THR B 57 -25.16 -9.85 -3.92
N GLY B 58 -24.69 -10.46 -5.01
CA GLY B 58 -25.49 -11.58 -5.56
C GLY B 58 -24.91 -12.94 -5.30
N THR B 59 -25.39 -13.96 -6.02
CA THR B 59 -24.88 -15.31 -5.90
C THR B 59 -23.41 -15.33 -6.29
N LEU B 60 -22.53 -15.88 -5.46
CA LEU B 60 -21.10 -15.96 -5.87
C LEU B 60 -20.85 -16.99 -7.01
N SER B 61 -19.83 -16.80 -7.85
CA SER B 61 -19.45 -17.83 -8.85
C SER B 61 -19.11 -19.13 -8.20
N ASN B 62 -18.30 -19.04 -7.13
CA ASN B 62 -17.77 -20.18 -6.44
C ASN B 62 -17.92 -19.91 -4.96
N PRO B 63 -19.08 -20.22 -4.39
CA PRO B 63 -19.29 -20.02 -2.96
C PRO B 63 -18.42 -20.97 -2.09
N GLU B 64 -17.84 -22.04 -2.66
CA GLU B 64 -17.01 -22.97 -1.87
C GLU B 64 -15.61 -22.38 -1.51
N VAL B 65 -15.03 -21.58 -2.42
CA VAL B 65 -13.72 -20.98 -2.16
C VAL B 65 -13.82 -19.55 -2.72
N PHE B 66 -13.78 -18.57 -1.86
CA PHE B 66 -14.02 -17.20 -2.23
C PHE B 66 -12.71 -16.61 -2.76
N ASN B 67 -12.70 -16.12 -4.01
CA ASN B 67 -11.51 -15.48 -4.62
C ASN B 67 -12.01 -14.08 -4.98
N TYR B 68 -11.48 -13.08 -4.28
CA TYR B 68 -11.97 -11.70 -4.42
C TYR B 68 -11.88 -11.17 -5.87
N GLY B 69 -10.76 -11.39 -6.57
CA GLY B 69 -10.60 -10.83 -7.96
C GLY B 69 -11.68 -11.51 -8.86
N VAL B 70 -11.81 -12.84 -8.74
CA VAL B 70 -12.82 -13.58 -9.58
C VAL B 70 -14.24 -13.10 -9.29
N GLU B 71 -14.58 -13.01 -8.01
CA GLU B 71 -15.92 -12.60 -7.60
C GLU B 71 -16.25 -11.15 -7.93
N THR B 72 -15.29 -10.23 -7.72
CA THR B 72 -15.56 -8.87 -8.17
C THR B 72 -15.59 -8.64 -9.70
N HIS B 73 -14.78 -9.38 -10.45
CA HIS B 73 -14.84 -9.32 -11.91
C HIS B 73 -16.28 -9.74 -12.39
N GLU B 74 -16.74 -10.88 -11.88
N GLU B 74 -16.78 -10.85 -11.87
CA GLU B 74 -18.11 -11.33 -12.20
CA GLU B 74 -18.12 -11.29 -12.25
C GLU B 74 -19.17 -10.32 -11.75
C GLU B 74 -19.26 -10.41 -11.69
N ALA B 75 -19.09 -9.87 -10.50
CA ALA B 75 -20.06 -8.94 -9.99
C ALA B 75 -20.08 -7.66 -10.82
N TYR B 76 -18.92 -7.22 -11.28
CA TYR B 76 -18.90 -5.98 -12.08
C TYR B 76 -19.73 -6.24 -13.35
N LYS B 77 -19.43 -7.33 -14.04
CA LYS B 77 -20.22 -7.72 -15.24
C LYS B 77 -21.72 -7.85 -14.99
N GLN B 78 -22.07 -8.42 -13.84
CA GLN B 78 -23.47 -8.63 -13.44
C GLN B 78 -24.18 -7.50 -12.77
N ARG B 79 -23.47 -6.42 -12.42
CA ARG B 79 -23.96 -5.31 -11.59
C ARG B 79 -24.43 -5.74 -10.25
N SER B 80 -23.62 -6.51 -9.56
CA SER B 80 -23.94 -6.83 -8.22
C SER B 80 -22.80 -6.45 -7.29
N LEU B 81 -22.02 -5.42 -7.65
CA LEU B 81 -21.05 -4.84 -6.70
C LEU B 81 -21.73 -3.92 -5.70
N ALA B 82 -21.15 -3.81 -4.52
CA ALA B 82 -21.61 -2.86 -3.55
C ALA B 82 -21.62 -1.45 -4.17
N SER B 83 -22.60 -0.68 -3.73
CA SER B 83 -22.88 0.60 -4.33
C SER B 83 -21.76 1.64 -4.00
N ASP B 84 -21.08 1.49 -2.87
CA ASP B 84 -19.94 2.44 -2.61
C ASP B 84 -18.84 2.32 -3.70
N ILE B 85 -18.64 1.08 -4.21
CA ILE B 85 -17.68 0.82 -5.26
C ILE B 85 -18.21 1.42 -6.56
N THR B 86 -19.47 1.19 -6.91
CA THR B 86 -19.87 1.71 -8.20
C THR B 86 -20.06 3.21 -8.20
N ASP B 87 -20.30 3.79 -7.05
CA ASP B 87 -20.33 5.23 -6.97
C ASP B 87 -18.94 5.82 -7.37
N GLU B 88 -17.86 5.20 -6.86
CA GLU B 88 -16.56 5.68 -7.23
C GLU B 88 -16.23 5.46 -8.73
N GLN B 89 -16.63 4.31 -9.22
CA GLN B 89 -16.40 3.95 -10.66
C GLN B 89 -17.03 4.96 -11.61
N LYS B 90 -18.22 5.44 -11.25
CA LYS B 90 -18.85 6.45 -12.05
C LYS B 90 -18.01 7.72 -12.11
N LYS B 91 -17.47 8.13 -10.97
CA LYS B 91 -16.64 9.35 -10.94
C LYS B 91 -15.37 9.16 -11.82
N VAL B 92 -14.78 7.98 -11.73
CA VAL B 92 -13.55 7.74 -12.48
C VAL B 92 -13.88 7.68 -13.97
N ARG B 93 -14.96 6.97 -14.28
CA ARG B 93 -15.41 6.80 -15.71
C ARG B 93 -15.59 8.14 -16.40
N GLU B 94 -16.22 9.08 -15.69
CA GLU B 94 -16.47 10.36 -16.32
C GLU B 94 -15.27 11.29 -16.28
N ALA B 95 -14.28 11.04 -15.38
CA ALA B 95 -13.10 11.96 -15.25
C ALA B 95 -12.16 11.92 -16.45
N ASP B 96 -11.62 13.10 -16.81
CA ASP B 96 -10.54 13.19 -17.77
C ASP B 96 -9.19 13.15 -17.06
N LEU B 97 -9.18 13.67 -15.80
CA LEU B 97 -7.98 13.68 -14.95
C LEU B 97 -8.35 13.23 -13.56
N VAL B 98 -7.52 12.36 -12.98
CA VAL B 98 -7.71 11.94 -11.57
C VAL B 98 -6.48 12.32 -10.80
N ILE B 99 -6.65 13.19 -9.78
CA ILE B 99 -5.55 13.61 -8.89
C ILE B 99 -5.69 12.87 -7.57
N PHE B 100 -4.59 12.33 -7.03
CA PHE B 100 -4.59 11.66 -5.74
C PHE B 100 -3.81 12.62 -4.85
N GLN B 101 -4.45 13.08 -3.77
CA GLN B 101 -3.78 13.96 -2.81
C GLN B 101 -3.67 13.23 -1.46
N PHE B 102 -2.41 12.98 -1.03
CA PHE B 102 -2.17 12.19 0.19
C PHE B 102 -0.81 12.42 0.77
N PRO B 103 -0.72 12.24 2.11
CA PRO B 103 0.58 12.12 2.75
C PRO B 103 1.16 10.76 2.51
N LEU B 104 2.44 10.73 2.23
CA LEU B 104 3.16 9.47 2.14
C LEU B 104 3.11 8.70 3.48
N TYR B 105 2.62 7.47 3.45
CA TYR B 105 2.61 6.56 4.63
C TYR B 105 3.41 5.32 4.22
N TRP B 106 4.54 5.08 4.89
CA TRP B 106 5.36 3.94 4.59
C TRP B 106 5.63 3.87 3.07
N PHE B 107 6.13 4.98 2.49
CA PHE B 107 6.60 4.94 1.07
C PHE B 107 5.44 4.61 0.11
N SER B 108 4.20 4.86 0.55
CA SER B 108 3.02 4.45 -0.28
C SER B 108 1.82 5.33 0.13
N VAL B 109 0.61 4.93 -0.33
CA VAL B 109 -0.56 5.63 0.08
C VAL B 109 -1.06 5.13 1.45
N PRO B 110 -1.77 6.00 2.16
CA PRO B 110 -2.44 5.57 3.39
C PRO B 110 -3.37 4.42 3.03
N ALA B 111 -3.57 3.48 3.93
CA ALA B 111 -4.41 2.32 3.69
C ALA B 111 -5.80 2.67 3.23
N ILE B 112 -6.39 3.77 3.72
CA ILE B 112 -7.77 4.08 3.23
C ILE B 112 -7.79 4.30 1.70
N LEU B 113 -6.74 4.95 1.20
CA LEU B 113 -6.57 5.11 -0.27
C LEU B 113 -6.09 3.83 -0.92
N LYS B 114 -5.25 3.07 -0.26
CA LYS B 114 -4.90 1.74 -0.84
C LYS B 114 -6.22 0.97 -1.01
N GLY B 115 -7.18 1.11 -0.11
CA GLY B 115 -8.40 0.29 -0.26
C GLY B 115 -9.33 0.77 -1.38
N TRP B 116 -9.35 2.07 -1.61
CA TRP B 116 -9.91 2.63 -2.85
C TRP B 116 -9.30 2.00 -4.12
N MET B 117 -8.00 1.92 -4.22
CA MET B 117 -7.42 1.30 -5.42
CA MET B 117 -7.37 1.29 -5.39
C MET B 117 -7.83 -0.16 -5.46
N ASP B 118 -7.73 -0.85 -4.33
CA ASP B 118 -8.03 -2.28 -4.37
C ASP B 118 -9.49 -2.59 -4.78
N ARG B 119 -10.42 -1.78 -4.32
CA ARG B 119 -11.81 -2.14 -4.40
C ARG B 119 -12.41 -1.46 -5.65
N VAL B 120 -11.97 -0.24 -5.97
CA VAL B 120 -12.59 0.47 -7.09
C VAL B 120 -12.04 0.06 -8.49
N LEU B 121 -10.73 -0.16 -8.56
CA LEU B 121 -10.12 -0.56 -9.87
C LEU B 121 -10.24 -2.04 -10.16
N CYS B 122 -11.43 -2.57 -10.21
CA CYS B 122 -11.54 -4.02 -10.32
C CYS B 122 -11.40 -4.48 -11.76
N GLN B 123 -11.21 -5.80 -11.90
CA GLN B 123 -11.15 -6.38 -13.25
C GLN B 123 -12.53 -6.23 -13.95
N GLY B 124 -12.49 -5.90 -15.25
CA GLY B 124 -13.72 -5.58 -15.98
C GLY B 124 -13.97 -4.07 -16.12
N PHE B 125 -13.51 -3.34 -15.12
CA PHE B 125 -13.74 -1.91 -15.09
C PHE B 125 -12.45 -1.22 -15.49
N ALA B 126 -11.37 -1.49 -14.74
CA ALA B 126 -10.11 -0.71 -14.89
C ALA B 126 -9.09 -1.43 -15.79
N PHE B 127 -9.17 -2.74 -15.83
CA PHE B 127 -8.29 -3.57 -16.68
C PHE B 127 -8.98 -4.92 -16.97
N ASP B 128 -8.45 -5.64 -17.93
N ASP B 128 -8.48 -5.63 -17.98
CA ASP B 128 -8.82 -7.07 -18.06
CA ASP B 128 -8.87 -7.02 -18.27
C ASP B 128 -7.56 -7.82 -18.44
C ASP B 128 -7.57 -7.82 -18.42
N ILE B 129 -7.64 -9.15 -18.40
CA ILE B 129 -6.47 -9.99 -18.71
C ILE B 129 -6.90 -10.77 -19.95
N PRO B 130 -6.46 -10.35 -21.16
CA PRO B 130 -5.56 -9.24 -21.46
C PRO B 130 -6.33 -7.91 -21.48
N GLY B 131 -5.61 -6.78 -21.53
CA GLY B 131 -6.20 -5.44 -21.54
C GLY B 131 -5.63 -4.62 -20.37
N PHE B 132 -4.33 -4.47 -20.35
CA PHE B 132 -3.64 -3.70 -19.30
C PHE B 132 -2.42 -2.95 -19.87
N TYR B 133 -1.74 -2.18 -19.03
CA TYR B 133 -0.72 -1.19 -19.39
C TYR B 133 -1.28 -0.43 -20.56
N ASP B 134 -0.61 -0.43 -21.70
CA ASP B 134 -1.12 0.46 -22.73
C ASP B 134 -2.48 0.02 -23.29
N SER B 135 -2.91 -1.20 -22.99
CA SER B 135 -4.26 -1.61 -23.35
C SER B 135 -5.26 -1.57 -22.18
N GLY B 136 -4.84 -0.97 -21.05
CA GLY B 136 -5.75 -0.77 -19.89
C GLY B 136 -7.10 -0.14 -20.27
N LEU B 137 -8.16 -0.40 -19.46
CA LEU B 137 -9.46 0.08 -19.80
C LEU B 137 -9.68 1.53 -19.49
N LEU B 138 -8.79 2.16 -18.72
CA LEU B 138 -8.89 3.60 -18.49
C LEU B 138 -8.00 4.43 -19.44
N GLN B 139 -7.59 3.84 -20.56
CA GLN B 139 -6.85 4.62 -21.56
C GLN B 139 -7.55 5.93 -21.98
N GLY B 140 -6.77 6.94 -22.24
CA GLY B 140 -7.32 8.26 -22.60
C GLY B 140 -7.39 9.22 -21.41
N LYS B 141 -7.31 8.66 -20.19
CA LYS B 141 -7.43 9.41 -18.93
C LYS B 141 -6.05 9.74 -18.44
N LEU B 142 -5.92 10.90 -17.77
CA LEU B 142 -4.69 11.29 -17.14
C LEU B 142 -4.76 11.05 -15.62
N ALA B 143 -3.63 10.73 -15.00
CA ALA B 143 -3.62 10.65 -13.53
C ALA B 143 -2.37 11.36 -13.01
N LEU B 144 -2.44 11.84 -11.79
CA LEU B 144 -1.34 12.56 -11.17
C LEU B 144 -1.28 12.34 -9.62
N LEU B 145 -0.10 12.00 -9.07
CA LEU B 145 0.04 11.85 -7.62
C LEU B 145 0.58 13.14 -6.98
N SER B 146 -0.17 13.69 -6.05
CA SER B 146 0.27 14.90 -5.35
C SER B 146 0.50 14.41 -3.94
N VAL B 147 1.78 14.37 -3.53
CA VAL B 147 2.19 13.59 -2.39
C VAL B 147 2.91 14.56 -1.46
N THR B 148 2.71 14.47 -0.14
CA THR B 148 3.53 15.27 0.81
C THR B 148 4.36 14.25 1.63
N THR B 149 5.49 14.69 2.21
CA THR B 149 6.34 13.77 2.94
C THR B 149 6.77 14.30 4.31
N GLY B 150 7.16 13.40 5.23
CA GLY B 150 8.01 13.82 6.39
C GLY B 150 9.45 14.17 5.98
N GLY B 151 10.02 13.33 5.13
CA GLY B 151 11.41 13.39 4.61
C GLY B 151 11.67 14.59 3.71
N THR B 152 12.89 15.14 3.84
CA THR B 152 13.33 16.25 2.97
C THR B 152 13.66 15.83 1.54
N ALA B 153 13.73 16.79 0.62
CA ALA B 153 14.17 16.46 -0.72
C ALA B 153 15.54 15.80 -0.64
N GLU B 154 16.43 16.37 0.17
CA GLU B 154 17.77 15.78 0.34
C GLU B 154 17.72 14.31 0.74
N MET B 155 16.80 13.97 1.64
CA MET B 155 16.68 12.57 2.08
C MET B 155 16.21 11.64 0.97
N TYR B 156 15.43 12.21 0.05
CA TYR B 156 14.93 11.43 -1.07
C TYR B 156 15.78 11.59 -2.36
N THR B 157 17.08 11.43 -2.26
CA THR B 157 17.90 11.48 -3.45
C THR B 157 18.59 10.13 -3.49
N LYS B 158 19.23 9.80 -4.61
CA LYS B 158 19.82 8.50 -4.72
C LYS B 158 20.82 8.27 -3.58
N THR B 159 21.61 9.27 -3.21
CA THR B 159 22.58 8.98 -2.16
C THR B 159 22.12 9.50 -0.79
N GLY B 160 20.82 9.81 -0.66
CA GLY B 160 20.22 10.13 0.66
C GLY B 160 19.67 8.86 1.31
N VAL B 161 19.24 8.94 2.57
CA VAL B 161 18.85 7.78 3.39
C VAL B 161 17.68 6.99 2.82
N ASN B 162 16.70 7.72 2.27
CA ASN B 162 15.50 7.09 1.70
C ASN B 162 15.64 6.66 0.23
N GLY B 163 16.76 7.03 -0.42
CA GLY B 163 16.89 6.73 -1.84
C GLY B 163 16.06 7.74 -2.64
N ASP B 164 16.19 7.70 -3.96
CA ASP B 164 15.41 8.63 -4.78
C ASP B 164 13.88 8.51 -4.62
N SER B 165 13.18 9.67 -4.68
CA SER B 165 11.71 9.71 -4.55
C SER B 165 11.04 8.88 -5.63
N ARG B 166 11.65 8.82 -6.82
CA ARG B 166 11.05 8.01 -7.91
C ARG B 166 10.93 6.50 -7.62
N TYR B 167 11.84 5.96 -6.81
CA TYR B 167 11.80 4.55 -6.51
C TYR B 167 10.49 4.10 -5.87
N PHE B 168 9.97 4.89 -4.91
CA PHE B 168 8.67 4.56 -4.24
C PHE B 168 7.45 4.90 -5.11
N LEU B 169 7.65 5.62 -6.22
CA LEU B 169 6.51 5.87 -7.11
C LEU B 169 6.15 4.67 -7.99
N TRP B 170 7.06 3.70 -8.19
CA TRP B 170 6.87 2.62 -9.15
C TRP B 170 5.53 1.83 -9.00
N PRO B 171 5.25 1.34 -7.78
CA PRO B 171 4.06 0.51 -7.64
C PRO B 171 2.78 1.33 -7.89
N LEU B 172 2.82 2.64 -7.62
CA LEU B 172 1.63 3.47 -7.80
C LEU B 172 1.52 3.95 -9.25
N GLN B 173 2.58 4.60 -9.75
CA GLN B 173 2.54 5.08 -11.14
C GLN B 173 2.49 3.98 -12.15
N HIS B 174 3.37 2.98 -12.02
CA HIS B 174 3.44 2.00 -13.05
C HIS B 174 2.53 0.83 -12.71
N GLY B 175 2.66 0.31 -11.48
CA GLY B 175 1.97 -0.93 -11.14
C GLY B 175 0.43 -0.72 -11.07
N THR B 176 0.00 0.49 -10.82
CA THR B 176 -1.45 0.71 -10.65
C THR B 176 -1.97 1.60 -11.83
N LEU B 177 -1.47 2.81 -11.96
CA LEU B 177 -2.06 3.82 -12.86
C LEU B 177 -1.80 3.36 -14.31
N HIS B 178 -0.52 3.13 -14.65
CA HIS B 178 -0.17 2.72 -16.03
C HIS B 178 -0.80 1.37 -16.35
N PHE B 179 -0.81 0.44 -15.37
CA PHE B 179 -1.47 -0.84 -15.59
C PHE B 179 -2.90 -0.70 -16.03
N CYS B 180 -3.66 0.23 -15.41
CA CYS B 180 -5.07 0.46 -15.82
C CYS B 180 -5.19 1.29 -17.14
N GLY B 181 -4.05 1.70 -17.69
CA GLY B 181 -4.08 2.47 -18.91
C GLY B 181 -4.01 3.99 -18.81
N PHE B 182 -3.89 4.55 -17.59
CA PHE B 182 -3.78 5.97 -17.45
C PHE B 182 -2.46 6.43 -18.07
N LYS B 183 -2.49 7.62 -18.57
CA LYS B 183 -1.25 8.33 -18.82
C LYS B 183 -0.99 9.07 -17.54
N VAL B 184 0.24 8.98 -17.08
CA VAL B 184 0.65 9.56 -15.82
C VAL B 184 1.38 10.88 -16.04
N LEU B 185 0.87 11.93 -15.41
CA LEU B 185 1.56 13.23 -15.34
C LEU B 185 2.62 13.22 -14.23
N ALA B 186 3.63 14.06 -14.36
CA ALA B 186 4.69 14.06 -13.39
C ALA B 186 4.11 14.33 -12.00
N PRO B 187 4.64 13.63 -11.01
CA PRO B 187 4.14 13.76 -9.66
C PRO B 187 4.40 15.12 -9.06
N GLN B 188 3.48 15.59 -8.20
CA GLN B 188 3.80 16.81 -7.43
C GLN B 188 4.27 16.33 -6.07
N ILE B 189 5.56 16.51 -5.72
CA ILE B 189 5.94 16.17 -4.33
C ILE B 189 6.24 17.38 -3.53
N SER B 190 5.49 17.52 -2.45
CA SER B 190 5.70 18.61 -1.51
C SER B 190 6.47 18.09 -0.29
N PHE B 191 7.78 18.36 -0.28
CA PHE B 191 8.66 17.75 0.76
C PHE B 191 8.60 18.44 2.10
N ALA B 192 8.42 17.64 3.16
CA ALA B 192 8.68 18.10 4.52
C ALA B 192 7.97 19.36 4.94
N PRO B 193 6.68 19.47 4.67
CA PRO B 193 6.06 20.69 5.08
C PRO B 193 6.08 20.86 6.62
N GLU B 194 6.13 19.78 7.41
CA GLU B 194 6.29 19.95 8.86
C GLU B 194 7.60 20.63 9.26
N ILE B 195 8.70 20.40 8.54
CA ILE B 195 10.00 21.05 8.85
C ILE B 195 10.11 22.47 8.24
N ALA B 196 9.47 22.67 7.09
CA ALA B 196 9.56 23.90 6.30
C ALA B 196 9.12 25.13 7.08
N SER B 197 9.67 26.30 6.71
CA SER B 197 9.19 27.54 7.31
C SER B 197 7.86 27.95 6.72
N GLU B 198 7.18 28.88 7.40
CA GLU B 198 5.92 29.38 6.92
C GLU B 198 5.99 29.91 5.48
N GLU B 199 7.08 30.60 5.12
CA GLU B 199 7.27 31.13 3.75
C GLU B 199 7.50 29.97 2.77
N GLU B 200 8.15 28.91 3.22
CA GLU B 200 8.42 27.84 2.31
C GLU B 200 7.10 27.03 2.07
N ARG B 201 6.31 26.84 3.14
CA ARG B 201 5.02 26.18 2.96
C ARG B 201 4.16 26.93 1.96
N LYS B 202 4.15 28.26 2.08
CA LYS B 202 3.30 29.09 1.24
C LYS B 202 3.81 28.94 -0.16
N GLY B 203 5.12 28.86 -0.30
CA GLY B 203 5.72 28.65 -1.62
C GLY B 203 5.25 27.33 -2.25
N MET B 204 5.24 26.24 -1.50
CA MET B 204 4.83 24.94 -2.06
C MET B 204 3.37 24.96 -2.46
N VAL B 205 2.51 25.62 -1.69
CA VAL B 205 1.10 25.71 -2.06
C VAL B 205 0.97 26.50 -3.39
N ALA B 206 1.64 27.63 -3.50
CA ALA B 206 1.47 28.45 -4.67
C ALA B 206 2.17 27.80 -5.88
N ALA B 207 3.20 26.99 -5.68
CA ALA B 207 3.77 26.25 -6.81
C ALA B 207 2.77 25.24 -7.44
N TRP B 208 2.00 24.60 -6.58
CA TRP B 208 0.99 23.65 -7.03
C TRP B 208 -0.15 24.39 -7.75
N SER B 209 -0.62 25.48 -7.16
CA SER B 209 -1.66 26.29 -7.78
C SER B 209 -1.18 26.75 -9.16
N GLN B 210 0.07 27.21 -9.19
CA GLN B 210 0.68 27.73 -10.40
C GLN B 210 0.89 26.61 -11.39
N ARG B 211 1.31 25.41 -10.95
CA ARG B 211 1.43 24.37 -11.93
C ARG B 211 0.04 24.02 -12.55
N LEU B 212 -1.00 24.03 -11.72
CA LEU B 212 -2.33 23.66 -12.21
C LEU B 212 -2.87 24.62 -13.27
N GLN B 213 -2.41 25.88 -13.27
CA GLN B 213 -2.85 26.78 -14.36
C GLN B 213 -2.57 26.23 -15.74
N THR B 214 -1.49 25.46 -15.92
CA THR B 214 -1.16 24.95 -17.22
C THR B 214 -1.14 23.44 -17.29
N ILE B 215 -1.86 22.77 -16.40
CA ILE B 215 -1.77 21.31 -16.32
C ILE B 215 -2.24 20.62 -17.63
N TRP B 216 -3.21 21.20 -18.36
CA TRP B 216 -3.75 20.57 -19.59
C TRP B 216 -2.75 20.69 -20.76
N LYS B 217 -1.69 21.47 -20.59
CA LYS B 217 -0.67 21.58 -21.64
C LYS B 217 0.49 20.58 -21.42
N GLU B 218 0.52 19.87 -20.28
CA GLU B 218 1.69 19.00 -19.97
C GLU B 218 1.61 17.71 -20.73
N GLU B 219 2.77 17.09 -21.00
CA GLU B 219 2.79 15.74 -21.52
C GLU B 219 2.96 14.75 -20.38
N PRO B 220 2.50 13.50 -20.54
CA PRO B 220 2.74 12.53 -19.46
C PRO B 220 4.24 12.15 -19.34
N ILE B 221 4.66 11.56 -18.23
CA ILE B 221 6.04 11.05 -18.18
C ILE B 221 6.12 9.79 -19.01
N PRO B 222 7.35 9.39 -19.38
CA PRO B 222 7.44 8.00 -19.86
C PRO B 222 7.43 7.08 -18.64
N CYS B 223 6.34 6.36 -18.43
CA CYS B 223 6.20 5.60 -17.20
C CYS B 223 6.96 4.26 -17.37
N THR B 224 8.31 4.28 -17.32
CA THR B 224 9.04 3.06 -17.56
C THR B 224 10.04 2.81 -16.42
N ALA B 225 10.62 1.61 -16.38
CA ALA B 225 11.69 1.33 -15.40
C ALA B 225 12.82 2.37 -15.50
N HIS B 226 13.16 2.79 -16.72
CA HIS B 226 14.31 3.71 -16.83
C HIS B 226 13.99 5.05 -16.14
N TRP B 227 12.77 5.59 -16.36
CA TRP B 227 12.43 6.86 -15.74
C TRP B 227 12.54 6.74 -14.20
N HIS B 228 12.09 5.61 -13.70
CA HIS B 228 11.98 5.45 -12.26
C HIS B 228 13.33 5.15 -11.57
N PHE B 229 14.12 4.34 -12.25
CA PHE B 229 15.36 3.79 -11.63
C PHE B 229 16.66 4.16 -12.37
N GLY B 230 16.54 4.64 -13.61
CA GLY B 230 17.70 5.13 -14.36
C GLY B 230 18.59 4.04 -14.89
N GLN B 231 19.88 4.38 -15.09
CA GLN B 231 20.89 3.50 -15.68
C GLN B 231 20.72 3.34 -17.20
#